data_8GTU
#
_entry.id   8GTU
#
_cell.length_a   45.600
_cell.length_b   87.440
_cell.length_c   123.310
_cell.angle_alpha   90.000
_cell.angle_beta   90.000
_cell.angle_gamma   90.000
#
_symmetry.space_group_name_H-M   'P 21 21 21'
#
loop_
_entity.id
_entity.type
_entity.pdbx_description
1 polymer 'Putative amino acid-binding periplasmic ABC transporter protein'
2 non-polymer '[(3~{S})-1-methyl-1-azoniabicyclo[2.2.2]octan-3-yl] 2-oxidanyl-2,2-diphenyl-ethanoate'
3 water water
#
_entity_poly.entity_id   1
_entity_poly.type   'polypeptide(L)'
_entity_poly.pdbx_seq_one_letter_code
;MFRTEDQSALRVGTDGIYPPHSFHAQDGRGELTGFDIDLIKEVAHRLNLKVEFFETAVSGLITGLDTNRYDVLVNVAITP
ERQKKYDFSIPYIAHRVLLVVRSDQQDIRSFKDLTDKTVAQILGTDLSRFAKELKSHLVFSHNFEQSLQLLLSKRTDATM
IPDIPFFNFLERRPHDGNLFKIADRMKDNSAVAFMMRKGNNKLTRSINEILCAIHLDGTYKKIFDRYFDKNIISSVPGCS
S
;
_entity_poly.pdbx_strand_id   A,B
#
loop_
_chem_comp.id
_chem_comp.type
_chem_comp.name
_chem_comp.formula
KG2 non-polymer '[(3~{S})-1-methyl-1-azoniabicyclo[2.2.2]octan-3-yl] 2-oxidanyl-2,2-diphenyl-ethanoate' 'C22 H26 N O3 1'
#
# COMPACT_ATOMS: atom_id res chain seq x y z
N ASP A 6 -16.60 -21.51 -9.24
CA ASP A 6 -17.86 -21.44 -8.47
C ASP A 6 -18.45 -22.84 -8.30
N GLN A 7 -17.65 -23.75 -7.73
CA GLN A 7 -18.04 -25.11 -7.36
C GLN A 7 -17.16 -25.58 -6.21
N SER A 8 -16.99 -24.68 -5.23
CA SER A 8 -16.17 -24.80 -4.04
C SER A 8 -16.09 -23.41 -3.40
N ALA A 9 -16.10 -23.29 -2.05
CA ALA A 9 -16.63 -22.06 -1.46
C ALA A 9 -15.57 -21.25 -0.71
N LEU A 10 -15.64 -19.92 -0.86
CA LEU A 10 -14.86 -19.01 -0.05
C LEU A 10 -15.81 -18.32 0.94
N ARG A 11 -15.63 -18.67 2.21
CA ARG A 11 -16.51 -18.29 3.29
C ARG A 11 -16.02 -16.96 3.85
N VAL A 12 -16.87 -15.94 3.80
CA VAL A 12 -16.50 -14.60 4.16
C VAL A 12 -17.37 -14.15 5.34
N GLY A 13 -16.73 -13.72 6.43
CA GLY A 13 -17.44 -13.12 7.55
C GLY A 13 -17.59 -11.61 7.38
N THR A 14 -18.80 -11.10 7.61
CA THR A 14 -19.04 -9.68 7.44
C THR A 14 -20.18 -9.23 8.35
N ASP A 15 -20.37 -7.92 8.49
CA ASP A 15 -21.58 -7.39 9.10
C ASP A 15 -22.27 -6.44 8.12
N GLY A 16 -23.47 -6.79 7.64
CA GLY A 16 -24.08 -6.08 6.54
C GLY A 16 -24.88 -4.83 6.96
N ILE A 17 -24.34 -4.03 7.88
CA ILE A 17 -24.97 -2.77 8.22
C ILE A 17 -23.93 -1.67 8.25
N TYR A 18 -22.90 -1.77 7.39
CA TYR A 18 -21.82 -0.79 7.34
C TYR A 18 -21.60 -0.23 5.93
N PRO A 19 -22.50 0.62 5.36
CA PRO A 19 -22.21 1.29 4.08
C PRO A 19 -20.97 2.18 4.20
N PRO A 20 -20.14 2.33 3.15
CA PRO A 20 -20.34 1.69 1.85
C PRO A 20 -19.50 0.43 1.69
N HIS A 21 -19.03 -0.12 2.82
CA HIS A 21 -18.22 -1.32 2.85
C HIS A 21 -19.06 -2.55 2.57
N SER A 22 -20.10 -2.73 3.39
CA SER A 22 -20.87 -3.97 3.42
C SER A 22 -22.26 -3.63 3.95
N PHE A 23 -23.28 -3.75 3.09
CA PHE A 23 -24.65 -3.35 3.45
C PHE A 23 -25.64 -4.01 2.50
N HIS A 24 -26.94 -3.93 2.82
CA HIS A 24 -27.96 -4.56 1.99
C HIS A 24 -28.66 -3.53 1.10
N ALA A 25 -28.79 -3.90 -0.16
CA ALA A 25 -29.48 -3.11 -1.16
C ALA A 25 -30.94 -2.85 -0.77
N GLN A 26 -31.55 -1.85 -1.42
CA GLN A 26 -32.94 -1.42 -1.24
C GLN A 26 -33.22 -1.07 0.22
N ASP A 27 -32.36 -0.20 0.77
N ASP A 27 -32.36 -0.20 0.77
CA ASP A 27 -32.51 0.38 2.09
CA ASP A 27 -32.56 0.38 2.09
C ASP A 27 -32.48 -0.70 3.17
C ASP A 27 -32.48 -0.70 3.17
N GLY A 28 -31.62 -1.71 2.99
CA GLY A 28 -31.41 -2.75 3.98
C GLY A 28 -32.22 -4.02 3.74
N ARG A 29 -32.90 -4.11 2.59
CA ARG A 29 -33.88 -5.16 2.38
C ARG A 29 -33.42 -6.18 1.34
N GLY A 30 -32.33 -5.88 0.62
CA GLY A 30 -31.91 -6.65 -0.54
C GLY A 30 -30.60 -7.38 -0.32
N GLU A 31 -29.93 -7.75 -1.42
CA GLU A 31 -28.65 -8.47 -1.41
C GLU A 31 -27.55 -7.66 -0.75
N LEU A 32 -26.56 -8.38 -0.22
CA LEU A 32 -25.35 -7.81 0.34
C LEU A 32 -24.59 -7.10 -0.78
N THR A 33 -24.08 -5.91 -0.45
CA THR A 33 -23.40 -5.10 -1.45
C THR A 33 -22.39 -4.22 -0.72
N GLY A 34 -21.57 -3.53 -1.48
CA GLY A 34 -20.56 -2.64 -0.92
C GLY A 34 -19.22 -2.85 -1.61
N PHE A 35 -18.29 -1.94 -1.30
CA PHE A 35 -16.97 -1.98 -1.91
C PHE A 35 -16.28 -3.31 -1.63
N ASP A 36 -16.14 -3.64 -0.34
CA ASP A 36 -15.42 -4.82 0.11
C ASP A 36 -16.15 -6.07 -0.39
N ILE A 37 -17.48 -6.00 -0.45
CA ILE A 37 -18.24 -7.16 -0.89
C ILE A 37 -18.01 -7.41 -2.39
N ASP A 38 -18.10 -6.33 -3.19
CA ASP A 38 -17.88 -6.41 -4.63
C ASP A 38 -16.48 -6.89 -4.98
N LEU A 39 -15.49 -6.49 -4.18
CA LEU A 39 -14.11 -6.86 -4.44
C LEU A 39 -13.85 -8.33 -4.12
N ILE A 40 -14.37 -8.81 -2.99
CA ILE A 40 -14.14 -10.19 -2.59
C ILE A 40 -14.95 -11.14 -3.48
N LYS A 41 -16.11 -10.66 -3.98
CA LYS A 41 -16.89 -11.42 -4.93
C LYS A 41 -16.08 -11.60 -6.22
N GLU A 42 -15.41 -10.51 -6.62
CA GLU A 42 -14.58 -10.42 -7.81
C GLU A 42 -13.38 -11.36 -7.67
N VAL A 43 -12.66 -11.26 -6.55
CA VAL A 43 -11.55 -12.14 -6.21
C VAL A 43 -12.00 -13.59 -6.34
N ALA A 44 -13.14 -13.92 -5.75
CA ALA A 44 -13.64 -15.29 -5.72
C ALA A 44 -14.01 -15.79 -7.11
N HIS A 45 -14.50 -14.92 -8.01
CA HIS A 45 -14.87 -15.40 -9.34
C HIS A 45 -13.61 -15.73 -10.14
N ARG A 46 -12.55 -14.95 -9.95
CA ARG A 46 -11.31 -15.18 -10.67
C ARG A 46 -10.59 -16.41 -10.10
N LEU A 47 -10.88 -16.75 -8.85
CA LEU A 47 -10.26 -17.93 -8.27
C LEU A 47 -11.12 -19.16 -8.51
N ASN A 48 -12.26 -18.95 -9.17
CA ASN A 48 -13.16 -20.04 -9.51
C ASN A 48 -13.72 -20.65 -8.22
N LEU A 49 -14.34 -19.79 -7.39
CA LEU A 49 -14.91 -20.17 -6.14
C LEU A 49 -16.22 -19.44 -6.06
N LYS A 50 -16.96 -20.03 -5.20
CA LYS A 50 -18.07 -19.19 -5.03
C LYS A 50 -18.04 -18.67 -3.62
N VAL A 51 -18.60 -17.51 -3.46
CA VAL A 51 -18.47 -16.88 -2.19
C VAL A 51 -19.72 -17.16 -1.34
N GLU A 52 -19.51 -17.39 -0.03
CA GLU A 52 -20.60 -17.49 0.93
C GLU A 52 -20.38 -16.53 2.08
N PHE A 53 -21.37 -15.65 2.33
CA PHE A 53 -21.22 -14.66 3.36
C PHE A 53 -21.99 -15.08 4.61
N PHE A 54 -21.39 -14.75 5.76
CA PHE A 54 -21.96 -14.96 7.05
C PHE A 54 -22.06 -13.62 7.74
N GLU A 55 -23.26 -13.26 8.20
CA GLU A 55 -23.45 -11.97 8.84
C GLU A 55 -23.38 -12.10 10.35
N THR A 56 -22.54 -11.26 10.95
CA THR A 56 -22.25 -11.34 12.37
C THR A 56 -21.97 -9.94 12.89
N ALA A 57 -22.46 -9.64 14.10
CA ALA A 57 -22.09 -8.40 14.76
C ALA A 57 -20.57 -8.31 14.89
N VAL A 58 -20.05 -7.09 14.74
CA VAL A 58 -18.63 -6.79 14.71
C VAL A 58 -17.90 -7.47 15.88
N SER A 59 -18.52 -7.50 17.06
CA SER A 59 -17.93 -8.05 18.27
C SER A 59 -17.66 -9.54 18.13
N GLY A 60 -18.27 -10.19 17.14
CA GLY A 60 -18.14 -11.63 17.02
C GLY A 60 -17.37 -12.08 15.79
N LEU A 61 -16.96 -11.15 14.92
CA LEU A 61 -16.33 -11.48 13.64
C LEU A 61 -15.04 -12.30 13.80
N ILE A 62 -14.12 -11.84 14.68
CA ILE A 62 -12.81 -12.43 14.87
C ILE A 62 -12.98 -13.85 15.41
N THR A 63 -13.97 -14.04 16.30
CA THR A 63 -14.24 -15.32 16.94
C THR A 63 -14.67 -16.33 15.89
N GLY A 64 -15.39 -15.87 14.85
CA GLY A 64 -15.87 -16.73 13.78
C GLY A 64 -14.74 -17.22 12.87
N LEU A 65 -13.78 -16.34 12.60
CA LEU A 65 -12.56 -16.65 11.85
C LEU A 65 -11.68 -17.62 12.65
N ASP A 66 -11.65 -17.43 13.98
CA ASP A 66 -10.88 -18.27 14.87
C ASP A 66 -11.48 -19.66 14.99
N THR A 67 -12.81 -19.77 14.90
CA THR A 67 -13.44 -21.06 15.16
C THR A 67 -13.74 -21.75 13.84
N ASN A 68 -13.38 -21.12 12.70
CA ASN A 68 -13.41 -21.81 11.42
C ASN A 68 -14.81 -21.83 10.80
N ARG A 69 -15.64 -20.85 11.13
CA ARG A 69 -16.95 -20.74 10.53
C ARG A 69 -16.84 -20.05 9.16
N TYR A 70 -15.70 -19.40 8.91
CA TYR A 70 -15.38 -18.75 7.65
C TYR A 70 -13.87 -18.48 7.61
N ASP A 71 -13.41 -18.01 6.45
CA ASP A 71 -12.00 -18.02 6.10
C ASP A 71 -11.44 -16.61 5.93
N VAL A 72 -12.29 -15.61 5.69
CA VAL A 72 -11.75 -14.28 5.47
C VAL A 72 -12.64 -13.22 6.09
N LEU A 73 -11.99 -12.18 6.65
CA LEU A 73 -12.68 -10.96 7.05
C LEU A 73 -12.23 -9.83 6.14
N VAL A 74 -13.15 -8.90 5.84
CA VAL A 74 -12.89 -7.80 4.93
C VAL A 74 -12.69 -6.56 5.78
N ASN A 75 -12.17 -5.49 5.16
CA ASN A 75 -12.11 -4.17 5.80
C ASN A 75 -11.40 -4.26 7.16
N VAL A 76 -10.28 -4.98 7.23
CA VAL A 76 -9.57 -5.08 8.51
C VAL A 76 -8.32 -4.21 8.53
N ALA A 77 -8.23 -3.32 9.53
CA ALA A 77 -7.02 -2.52 9.66
C ALA A 77 -5.86 -3.37 10.13
N ILE A 78 -4.70 -3.23 9.45
CA ILE A 78 -3.46 -3.92 9.79
C ILE A 78 -2.87 -3.30 11.06
N THR A 79 -2.64 -4.14 12.08
CA THR A 79 -2.05 -3.68 13.32
C THR A 79 -0.96 -4.70 13.64
N PRO A 80 0.11 -4.37 14.41
CA PRO A 80 1.19 -5.33 14.63
C PRO A 80 0.74 -6.52 15.47
N GLU A 81 -0.24 -6.31 16.38
CA GLU A 81 -0.83 -7.38 17.19
C GLU A 81 -1.53 -8.40 16.29
N ARG A 82 -2.33 -7.89 15.33
CA ARG A 82 -3.04 -8.73 14.37
C ARG A 82 -2.06 -9.36 13.38
N GLN A 83 -0.96 -8.64 13.06
CA GLN A 83 0.04 -9.18 12.15
C GLN A 83 0.71 -10.39 12.77
N LYS A 84 0.86 -10.33 14.10
CA LYS A 84 1.49 -11.38 14.86
C LYS A 84 0.65 -12.64 14.83
N LYS A 85 -0.68 -12.51 14.65
CA LYS A 85 -1.61 -13.59 14.95
C LYS A 85 -2.39 -14.08 13.73
N TYR A 86 -2.42 -13.31 12.63
CA TYR A 86 -3.24 -13.60 11.46
C TYR A 86 -2.43 -13.35 10.19
N ASP A 87 -2.93 -13.83 9.02
CA ASP A 87 -2.40 -13.47 7.71
C ASP A 87 -3.19 -12.29 7.14
N PHE A 88 -2.51 -11.36 6.45
CA PHE A 88 -3.21 -10.31 5.73
C PHE A 88 -2.84 -10.33 4.25
N SER A 89 -3.79 -9.93 3.38
CA SER A 89 -3.47 -9.65 2.00
C SER A 89 -2.69 -8.33 1.89
N ILE A 90 -2.12 -8.07 0.72
CA ILE A 90 -1.66 -6.73 0.35
C ILE A 90 -2.81 -5.75 0.64
N PRO A 91 -2.52 -4.56 1.24
CA PRO A 91 -3.58 -3.57 1.50
C PRO A 91 -4.35 -3.25 0.22
N TYR A 92 -5.68 -3.14 0.29
CA TYR A 92 -6.44 -2.79 -0.90
C TYR A 92 -7.12 -1.43 -0.78
N ILE A 93 -7.11 -0.83 0.42
CA ILE A 93 -7.70 0.49 0.64
C ILE A 93 -6.98 1.08 1.86
N ALA A 94 -7.25 2.35 2.15
CA ALA A 94 -6.72 2.93 3.37
C ALA A 94 -7.78 3.89 3.89
N HIS A 95 -7.92 3.94 5.21
CA HIS A 95 -8.79 4.95 5.79
C HIS A 95 -7.98 5.87 6.70
N ARG A 96 -8.60 6.98 7.11
CA ARG A 96 -8.04 7.79 8.17
C ARG A 96 -9.05 7.95 9.30
N VAL A 97 -8.57 7.84 10.55
CA VAL A 97 -9.45 8.00 11.70
C VAL A 97 -9.71 9.48 11.95
N LEU A 98 -10.98 9.84 12.13
CA LEU A 98 -11.34 11.22 12.42
C LEU A 98 -11.95 11.25 13.80
N LEU A 99 -11.73 12.36 14.49
CA LEU A 99 -12.57 12.73 15.60
C LEU A 99 -13.69 13.61 15.06
N VAL A 100 -14.93 13.13 15.22
CA VAL A 100 -16.11 13.90 14.81
C VAL A 100 -16.90 14.37 16.03
N VAL A 101 -17.25 15.66 16.01
CA VAL A 101 -18.05 16.35 17.00
C VAL A 101 -19.20 17.06 16.28
N ARG A 102 -20.19 17.54 17.06
CA ARG A 102 -21.20 18.46 16.58
C ARG A 102 -20.53 19.79 16.24
N SER A 103 -21.09 20.49 15.22
N SER A 103 -21.09 20.49 15.22
CA SER A 103 -20.49 21.68 14.65
CA SER A 103 -20.49 21.68 14.65
C SER A 103 -20.32 22.81 15.66
C SER A 103 -20.32 22.81 15.66
N ASP A 104 -21.08 22.75 16.76
CA ASP A 104 -21.11 23.80 17.77
C ASP A 104 -20.09 23.54 18.89
N GLN A 105 -19.44 22.37 18.87
CA GLN A 105 -18.62 21.89 19.98
C GLN A 105 -17.35 22.72 20.09
N GLN A 106 -16.93 23.00 21.33
CA GLN A 106 -15.81 23.91 21.59
C GLN A 106 -14.69 23.23 22.36
N ASP A 107 -15.06 22.37 23.33
CA ASP A 107 -14.10 21.85 24.30
C ASP A 107 -13.23 20.71 23.73
N ILE A 108 -13.51 20.20 22.52
CA ILE A 108 -12.75 19.08 21.95
C ILE A 108 -11.95 19.51 20.73
N ARG A 109 -10.61 19.48 20.83
CA ARG A 109 -9.77 19.90 19.73
C ARG A 109 -8.82 18.79 19.31
N SER A 110 -8.60 17.80 20.20
CA SER A 110 -7.74 16.69 19.84
C SER A 110 -8.21 15.40 20.49
N PHE A 111 -7.55 14.30 20.14
CA PHE A 111 -7.80 12.99 20.72
C PHE A 111 -7.58 13.05 22.23
N LYS A 112 -6.60 13.88 22.64
CA LYS A 112 -6.22 13.99 24.04
C LYS A 112 -7.34 14.64 24.83
N ASP A 113 -8.18 15.46 24.20
CA ASP A 113 -9.29 16.13 24.88
C ASP A 113 -10.47 15.20 25.14
N LEU A 114 -10.37 13.92 24.74
CA LEU A 114 -11.50 13.00 24.87
C LEU A 114 -11.64 12.43 26.28
N THR A 115 -10.63 12.67 27.13
CA THR A 115 -10.68 12.20 28.51
C THR A 115 -11.91 12.78 29.21
N ASP A 116 -12.72 11.90 29.81
N ASP A 116 -12.72 11.89 29.80
CA ASP A 116 -13.92 12.31 30.54
CA ASP A 116 -13.94 12.22 30.51
C ASP A 116 -14.94 13.00 29.63
C ASP A 116 -14.93 13.01 29.63
N LYS A 117 -14.88 12.74 28.33
CA LYS A 117 -15.96 13.12 27.41
C LYS A 117 -16.75 11.84 27.13
N THR A 118 -18.04 11.98 26.82
CA THR A 118 -18.78 10.81 26.41
C THR A 118 -18.49 10.60 24.93
N VAL A 119 -18.22 9.35 24.57
N VAL A 119 -18.22 9.35 24.57
CA VAL A 119 -17.86 9.00 23.22
CA VAL A 119 -17.86 9.00 23.22
C VAL A 119 -18.70 7.79 22.81
C VAL A 119 -18.70 7.80 22.81
N ALA A 120 -19.11 7.77 21.53
CA ALA A 120 -19.88 6.67 20.97
C ALA A 120 -18.97 5.76 20.14
N GLN A 121 -18.88 4.46 20.50
CA GLN A 121 -18.05 3.55 19.71
C GLN A 121 -18.70 2.16 19.67
N ILE A 122 -18.21 1.30 18.78
CA ILE A 122 -18.75 -0.04 18.60
C ILE A 122 -17.96 -0.99 19.48
N LEU A 123 -18.67 -1.79 20.29
N LEU A 123 -18.67 -1.79 20.29
CA LEU A 123 -18.06 -2.80 21.16
CA LEU A 123 -18.06 -2.80 21.16
C LEU A 123 -17.23 -3.77 20.32
C LEU A 123 -17.23 -3.75 20.31
N GLY A 124 -16.01 -4.07 20.82
CA GLY A 124 -15.09 -4.99 20.16
C GLY A 124 -14.39 -4.38 18.96
N THR A 125 -14.13 -3.07 18.99
CA THR A 125 -13.27 -2.48 17.97
C THR A 125 -12.07 -1.86 18.67
N ASP A 126 -10.98 -1.68 17.92
N ASP A 126 -10.98 -1.68 17.92
CA ASP A 126 -9.76 -1.06 18.41
CA ASP A 126 -9.77 -1.07 18.42
C ASP A 126 -10.03 0.38 18.85
C ASP A 126 -10.03 0.38 18.85
N LEU A 127 -10.92 1.08 18.13
CA LEU A 127 -11.25 2.46 18.46
C LEU A 127 -12.02 2.50 19.77
N SER A 128 -12.76 1.43 20.06
N SER A 128 -12.76 1.44 20.06
CA SER A 128 -13.48 1.29 21.31
CA SER A 128 -13.48 1.28 21.32
C SER A 128 -12.49 1.12 22.46
C SER A 128 -12.49 1.11 22.46
N ARG A 129 -11.40 0.39 22.18
CA ARG A 129 -10.38 0.11 23.18
C ARG A 129 -9.53 1.35 23.40
N PHE A 130 -9.33 2.11 22.33
CA PHE A 130 -8.58 3.36 22.39
C PHE A 130 -9.36 4.38 23.21
N ALA A 131 -10.68 4.40 23.02
CA ALA A 131 -11.59 5.25 23.77
C ALA A 131 -11.50 4.94 25.27
N LYS A 132 -11.45 3.64 25.62
CA LYS A 132 -11.29 3.10 26.96
C LYS A 132 -10.03 3.68 27.60
N GLU A 133 -8.89 3.57 26.88
CA GLU A 133 -7.60 4.02 27.34
C GLU A 133 -7.54 5.54 27.52
N LEU A 134 -8.27 6.28 26.67
CA LEU A 134 -8.32 7.73 26.79
C LEU A 134 -9.16 8.16 27.99
N LYS A 135 -9.71 7.20 28.76
CA LYS A 135 -10.54 7.47 29.92
C LYS A 135 -11.78 8.27 29.54
N SER A 136 -12.31 7.99 28.35
CA SER A 136 -13.61 8.49 27.94
C SER A 136 -14.71 7.62 28.52
N HIS A 137 -15.93 8.17 28.60
CA HIS A 137 -17.10 7.39 28.95
C HIS A 137 -17.77 6.86 27.67
N LEU A 138 -17.74 5.55 27.48
CA LEU A 138 -18.20 4.96 26.23
C LEU A 138 -19.72 4.83 26.22
N VAL A 139 -20.36 5.20 25.12
CA VAL A 139 -21.68 4.68 24.79
C VAL A 139 -21.57 3.80 23.56
N PHE A 140 -21.95 2.52 23.70
CA PHE A 140 -21.73 1.51 22.67
C PHE A 140 -22.85 1.55 21.64
N SER A 141 -22.51 1.74 20.37
CA SER A 141 -23.53 1.80 19.35
C SER A 141 -23.49 0.55 18.47
N HIS A 142 -24.52 0.31 17.66
CA HIS A 142 -24.52 -0.92 16.89
C HIS A 142 -23.70 -0.78 15.62
N ASN A 143 -23.47 0.47 15.16
CA ASN A 143 -22.76 0.71 13.92
C ASN A 143 -22.40 2.18 13.77
N PHE A 144 -21.86 2.57 12.60
CA PHE A 144 -21.42 3.94 12.36
C PHE A 144 -22.59 4.90 12.25
N GLU A 145 -23.70 4.46 11.64
CA GLU A 145 -24.89 5.28 11.56
C GLU A 145 -25.42 5.64 12.95
N GLN A 146 -25.42 4.65 13.87
CA GLN A 146 -25.92 4.93 15.20
C GLN A 146 -24.94 5.83 15.99
N SER A 147 -23.63 5.69 15.77
CA SER A 147 -22.65 6.54 16.44
C SER A 147 -22.90 8.01 16.13
N LEU A 148 -23.18 8.29 14.85
CA LEU A 148 -23.39 9.65 14.37
C LEU A 148 -24.73 10.15 14.88
N GLN A 149 -25.69 9.21 15.02
CA GLN A 149 -27.00 9.56 15.50
C GLN A 149 -26.96 9.84 17.00
N LEU A 150 -26.10 9.13 17.75
CA LEU A 150 -25.98 9.40 19.17
C LEU A 150 -25.39 10.79 19.38
N LEU A 151 -24.48 11.16 18.47
CA LEU A 151 -23.78 12.43 18.53
C LEU A 151 -24.74 13.56 18.20
N LEU A 152 -25.59 13.30 17.21
CA LEU A 152 -26.55 14.23 16.66
C LEU A 152 -27.59 14.60 17.71
N SER A 153 -28.06 13.58 18.45
CA SER A 153 -29.12 13.77 19.42
C SER A 153 -28.56 14.07 20.82
N LYS A 154 -27.24 14.28 20.92
CA LYS A 154 -26.59 14.85 22.10
C LYS A 154 -26.43 13.81 23.20
N ARG A 155 -26.50 12.52 22.83
N ARG A 155 -26.50 12.52 22.83
CA ARG A 155 -26.29 11.43 23.74
CA ARG A 155 -26.30 11.42 23.75
C ARG A 155 -24.80 11.26 24.03
C ARG A 155 -24.80 11.26 24.02
N THR A 156 -23.97 11.66 23.06
CA THR A 156 -22.53 11.66 23.23
C THR A 156 -22.01 12.96 22.65
N ASP A 157 -20.72 13.21 22.91
CA ASP A 157 -20.11 14.49 22.58
C ASP A 157 -19.13 14.30 21.43
N ALA A 158 -18.77 13.05 21.13
CA ALA A 158 -17.80 12.77 20.08
C ALA A 158 -17.94 11.34 19.57
N THR A 159 -17.43 11.09 18.36
CA THR A 159 -17.13 9.73 17.97
C THR A 159 -15.84 9.74 17.14
N MET A 160 -15.08 8.63 17.23
CA MET A 160 -13.92 8.40 16.39
C MET A 160 -14.38 7.46 15.29
N ILE A 161 -14.26 7.90 14.03
CA ILE A 161 -14.86 7.21 12.90
C ILE A 161 -13.87 7.29 11.74
N PRO A 162 -13.63 6.19 11.00
CA PRO A 162 -12.84 6.25 9.76
C PRO A 162 -13.47 7.21 8.75
N ASP A 163 -12.66 7.77 7.85
CA ASP A 163 -13.15 8.77 6.91
C ASP A 163 -14.18 8.15 5.95
N ILE A 164 -14.00 6.85 5.63
CA ILE A 164 -14.79 6.28 4.56
C ILE A 164 -16.28 6.28 4.91
N PRO A 165 -16.73 5.72 6.07
CA PRO A 165 -18.14 5.78 6.46
C PRO A 165 -18.65 7.19 6.77
N PHE A 166 -17.80 8.07 7.30
CA PHE A 166 -18.30 9.39 7.62
C PHE A 166 -18.70 10.15 6.35
N PHE A 167 -17.90 10.00 5.27
CA PHE A 167 -18.14 10.72 4.03
C PHE A 167 -19.29 10.07 3.26
N ASN A 168 -19.44 8.75 3.41
CA ASN A 168 -20.59 8.03 2.89
C ASN A 168 -21.88 8.58 3.50
N PHE A 169 -21.86 8.83 4.81
CA PHE A 169 -22.97 9.41 5.53
C PHE A 169 -23.32 10.78 4.94
N LEU A 170 -22.32 11.63 4.62
CA LEU A 170 -22.60 12.96 4.07
C LEU A 170 -23.16 12.86 2.64
N GLU A 171 -22.73 11.83 1.90
CA GLU A 171 -23.22 11.53 0.57
C GLU A 171 -24.72 11.17 0.61
N ARG A 172 -25.13 10.38 1.60
CA ARG A 172 -26.50 9.88 1.73
C ARG A 172 -27.43 10.93 2.33
N ARG A 173 -26.96 11.61 3.38
N ARG A 173 -26.96 11.61 3.38
CA ARG A 173 -27.77 12.57 4.12
CA ARG A 173 -27.78 12.57 4.10
C ARG A 173 -27.07 13.93 4.15
C ARG A 173 -27.07 13.93 4.15
N PRO A 174 -26.95 14.64 3.01
CA PRO A 174 -26.19 15.89 2.94
C PRO A 174 -26.70 17.04 3.80
N HIS A 175 -28.02 17.17 3.90
CA HIS A 175 -28.69 18.20 4.70
C HIS A 175 -28.48 17.96 6.19
N ASP A 176 -27.79 16.87 6.55
CA ASP A 176 -27.43 16.63 7.93
C ASP A 176 -25.93 16.85 8.12
N GLY A 177 -25.23 17.03 7.00
CA GLY A 177 -23.81 17.33 7.02
C GLY A 177 -23.43 18.45 7.99
N ASN A 178 -24.19 19.55 7.96
CA ASN A 178 -23.81 20.79 8.64
C ASN A 178 -23.89 20.64 10.16
N LEU A 179 -24.42 19.51 10.66
CA LEU A 179 -24.53 19.28 12.08
C LEU A 179 -23.20 18.77 12.66
N PHE A 180 -22.26 18.36 11.79
CA PHE A 180 -21.00 17.75 12.22
C PHE A 180 -19.80 18.59 11.80
N LYS A 181 -18.71 18.45 12.57
CA LYS A 181 -17.41 18.98 12.23
C LYS A 181 -16.37 17.90 12.50
N ILE A 182 -15.22 17.93 11.81
CA ILE A 182 -14.07 17.11 12.15
C ILE A 182 -13.14 17.91 13.07
N ALA A 183 -12.92 17.40 14.28
CA ALA A 183 -12.10 18.13 15.24
C ALA A 183 -10.60 17.81 15.07
N ASP A 184 -10.30 16.60 14.56
CA ASP A 184 -8.93 16.12 14.47
C ASP A 184 -8.90 14.88 13.60
N ARG A 185 -7.71 14.56 13.09
CA ARG A 185 -7.51 13.29 12.38
C ARG A 185 -6.14 12.75 12.76
N MET A 186 -5.98 11.42 12.67
CA MET A 186 -4.70 10.77 12.88
C MET A 186 -3.72 11.34 11.86
N LYS A 187 -2.44 11.45 12.25
CA LYS A 187 -1.44 12.05 11.36
C LYS A 187 -1.22 11.15 10.15
N ASP A 188 -1.33 9.83 10.32
CA ASP A 188 -1.11 8.86 9.25
C ASP A 188 -2.45 8.31 8.75
N ASN A 189 -2.50 7.88 7.49
CA ASN A 189 -3.57 6.98 7.09
C ASN A 189 -3.20 5.52 7.36
N SER A 190 -4.22 4.66 7.31
CA SER A 190 -4.13 3.29 7.81
C SER A 190 -4.44 2.32 6.68
N ALA A 191 -3.53 1.36 6.42
CA ALA A 191 -3.77 0.28 5.47
C ALA A 191 -4.87 -0.66 5.96
N VAL A 192 -5.70 -1.14 5.01
CA VAL A 192 -6.82 -2.02 5.29
C VAL A 192 -6.71 -3.22 4.36
N ALA A 193 -6.92 -4.43 4.88
CA ALA A 193 -6.69 -5.62 4.07
C ALA A 193 -7.74 -6.66 4.40
N PHE A 194 -7.74 -7.77 3.65
CA PHE A 194 -8.47 -8.98 4.03
C PHE A 194 -7.65 -9.70 5.09
N MET A 195 -8.34 -10.27 6.09
CA MET A 195 -7.63 -11.04 7.11
C MET A 195 -8.09 -12.51 7.03
N MET A 196 -7.10 -13.43 6.97
CA MET A 196 -7.29 -14.86 7.00
C MET A 196 -6.61 -15.40 8.27
N ARG A 197 -6.91 -16.67 8.60
CA ARG A 197 -6.17 -17.34 9.66
C ARG A 197 -4.72 -17.51 9.22
N LYS A 198 -3.79 -17.39 10.18
CA LYS A 198 -2.41 -17.81 9.94
C LYS A 198 -2.37 -19.25 9.45
N GLY A 199 -1.45 -19.53 8.52
CA GLY A 199 -1.22 -20.90 8.07
C GLY A 199 -1.74 -21.18 6.66
N ASN A 200 -2.70 -20.40 6.18
CA ASN A 200 -3.13 -20.64 4.81
C ASN A 200 -2.47 -19.62 3.88
N ASN A 201 -1.19 -19.90 3.59
CA ASN A 201 -0.35 -19.01 2.83
C ASN A 201 -0.78 -19.05 1.36
N LYS A 202 -1.30 -20.21 0.92
CA LYS A 202 -1.67 -20.41 -0.47
C LYS A 202 -2.85 -19.51 -0.82
N LEU A 203 -3.87 -19.46 0.05
CA LEU A 203 -5.03 -18.61 -0.21
C LEU A 203 -4.62 -17.15 -0.16
N THR A 204 -3.65 -16.82 0.71
CA THR A 204 -3.19 -15.44 0.84
C THR A 204 -2.51 -14.99 -0.44
N ARG A 205 -1.58 -15.80 -0.96
CA ARG A 205 -0.87 -15.49 -2.19
C ARG A 205 -1.84 -15.35 -3.37
N SER A 206 -2.89 -16.20 -3.39
CA SER A 206 -3.87 -16.25 -4.46
C SER A 206 -4.68 -14.95 -4.53
N ILE A 207 -5.19 -14.50 -3.38
CA ILE A 207 -5.94 -13.25 -3.29
C ILE A 207 -5.04 -12.11 -3.80
N ASN A 208 -3.76 -12.16 -3.44
CA ASN A 208 -2.81 -11.11 -3.74
C ASN A 208 -2.54 -11.04 -5.24
N GLU A 209 -2.36 -12.22 -5.83
CA GLU A 209 -2.20 -12.41 -7.25
C GLU A 209 -3.39 -11.76 -7.95
N ILE A 210 -4.60 -12.09 -7.49
CA ILE A 210 -5.84 -11.67 -8.14
C ILE A 210 -6.06 -10.16 -7.92
N LEU A 211 -5.73 -9.66 -6.72
CA LEU A 211 -5.87 -8.23 -6.47
C LEU A 211 -4.97 -7.44 -7.43
N CYS A 212 -3.79 -7.97 -7.73
N CYS A 212 -3.79 -7.98 -7.73
CA CYS A 212 -2.88 -7.22 -8.57
CA CYS A 212 -2.87 -7.23 -8.56
C CYS A 212 -3.38 -7.23 -10.01
C CYS A 212 -3.38 -7.23 -10.01
N ALA A 213 -4.00 -8.34 -10.42
CA ALA A 213 -4.65 -8.45 -11.72
C ALA A 213 -5.81 -7.46 -11.85
N ILE A 214 -6.52 -7.24 -10.74
CA ILE A 214 -7.69 -6.40 -10.69
C ILE A 214 -7.23 -4.94 -10.72
N HIS A 215 -6.08 -4.65 -10.09
CA HIS A 215 -5.45 -3.33 -10.29
C HIS A 215 -5.21 -3.13 -11.78
N LEU A 216 -4.60 -4.11 -12.44
CA LEU A 216 -3.99 -3.92 -13.74
C LEU A 216 -5.01 -3.77 -14.87
N ASP A 217 -6.23 -4.32 -14.73
CA ASP A 217 -7.18 -4.35 -15.83
C ASP A 217 -8.28 -3.30 -15.66
N GLY A 218 -8.13 -2.40 -14.69
CA GLY A 218 -9.06 -1.30 -14.51
C GLY A 218 -10.25 -1.65 -13.61
N THR A 219 -10.41 -2.92 -13.23
CA THR A 219 -11.57 -3.35 -12.45
C THR A 219 -11.58 -2.64 -11.10
N TYR A 220 -10.41 -2.42 -10.52
CA TYR A 220 -10.33 -1.79 -9.22
C TYR A 220 -10.84 -0.34 -9.29
N LYS A 221 -10.40 0.39 -10.33
CA LYS A 221 -10.89 1.74 -10.55
C LYS A 221 -12.42 1.75 -10.64
N LYS A 222 -13.00 0.75 -11.32
CA LYS A 222 -14.44 0.65 -11.51
C LYS A 222 -15.13 0.47 -10.15
N ILE A 223 -14.60 -0.45 -9.32
CA ILE A 223 -15.25 -0.77 -8.06
C ILE A 223 -15.12 0.41 -7.10
N PHE A 224 -13.94 1.05 -7.09
CA PHE A 224 -13.65 2.22 -6.28
C PHE A 224 -14.56 3.38 -6.66
N ASP A 225 -14.67 3.69 -7.96
CA ASP A 225 -15.48 4.82 -8.37
C ASP A 225 -16.97 4.57 -8.09
N ARG A 226 -17.37 3.30 -8.00
CA ARG A 226 -18.74 2.93 -7.70
C ARG A 226 -19.09 3.37 -6.28
N TYR A 227 -18.08 3.56 -5.42
CA TYR A 227 -18.41 3.71 -4.00
C TYR A 227 -17.78 4.94 -3.35
N PHE A 228 -16.71 5.51 -3.95
CA PHE A 228 -15.93 6.52 -3.26
C PHE A 228 -15.68 7.74 -4.13
N ASP A 229 -15.48 8.88 -3.45
CA ASP A 229 -15.03 10.13 -4.02
C ASP A 229 -13.50 10.11 -4.00
N LYS A 230 -12.89 9.91 -5.17
CA LYS A 230 -11.44 9.79 -5.27
C LYS A 230 -10.76 11.10 -4.83
N ASN A 231 -11.53 12.16 -4.54
CA ASN A 231 -10.95 13.39 -4.05
C ASN A 231 -10.90 13.38 -2.52
N ILE A 232 -11.60 12.44 -1.89
CA ILE A 232 -11.56 12.41 -0.44
C ILE A 232 -10.86 11.15 0.07
N ILE A 233 -11.14 10.01 -0.56
CA ILE A 233 -10.76 8.72 0.00
C ILE A 233 -9.46 8.27 -0.64
N SER A 234 -8.48 7.89 0.16
CA SER A 234 -7.21 7.50 -0.46
C SER A 234 -7.23 6.01 -0.84
N SER A 235 -6.48 5.66 -1.89
CA SER A 235 -6.28 4.25 -2.21
C SER A 235 -4.82 3.82 -2.01
N VAL A 236 -4.51 2.63 -2.53
CA VAL A 236 -3.19 2.08 -2.38
C VAL A 236 -2.51 2.06 -3.75
N PRO A 237 -1.16 1.94 -3.81
CA PRO A 237 -0.46 1.97 -5.08
C PRO A 237 -0.89 0.79 -5.93
N GLY A 238 -0.76 0.92 -7.25
CA GLY A 238 -1.14 -0.15 -8.16
C GLY A 238 -0.12 -1.29 -8.18
N CYS A 239 -0.18 -2.14 -9.21
N CYS A 239 -0.14 -2.04 -9.28
CA CYS A 239 0.82 -3.18 -9.43
CA CYS A 239 0.78 -3.14 -9.52
C CYS A 239 1.43 -2.92 -10.82
C CYS A 239 1.47 -2.84 -10.83
N SER A 240 2.54 -3.58 -11.16
CA SER A 240 3.08 -3.50 -12.50
C SER A 240 3.22 -4.91 -13.08
N SER A 241 3.84 -5.09 -14.26
CA SER A 241 3.83 -6.42 -14.86
C SER A 241 4.94 -6.63 -15.90
N SER B 8 20.96 -15.50 13.12
CA SER B 8 22.21 -14.69 13.11
C SER B 8 22.23 -13.63 12.01
N ALA B 9 22.39 -14.09 10.75
CA ALA B 9 22.57 -13.14 9.66
C ALA B 9 21.34 -13.03 8.75
N LEU B 10 21.12 -11.84 8.20
CA LEU B 10 20.13 -11.66 7.16
C LEU B 10 20.89 -11.37 5.86
N ARG B 11 20.84 -12.32 4.94
CA ARG B 11 21.56 -12.23 3.67
C ARG B 11 20.70 -11.48 2.65
N VAL B 12 21.21 -10.32 2.21
CA VAL B 12 20.44 -9.42 1.36
C VAL B 12 21.17 -9.27 0.04
N GLY B 13 20.49 -9.53 -1.08
CA GLY B 13 21.09 -9.26 -2.37
C GLY B 13 20.77 -7.86 -2.87
N THR B 14 21.80 -7.17 -3.39
CA THR B 14 21.59 -5.80 -3.82
C THR B 14 22.63 -5.45 -4.89
N ASP B 15 22.37 -4.33 -5.58
CA ASP B 15 23.36 -3.78 -6.52
C ASP B 15 23.73 -2.35 -6.11
N GLY B 16 24.99 -2.12 -5.69
CA GLY B 16 25.37 -0.91 -4.98
C GLY B 16 25.76 0.24 -5.91
N ILE B 17 25.07 0.41 -7.03
CA ILE B 17 25.34 1.51 -7.93
C ILE B 17 24.00 2.12 -8.38
N TYR B 18 22.99 2.12 -7.48
CA TYR B 18 21.71 2.73 -7.79
C TYR B 18 21.28 3.71 -6.69
N PRO B 19 21.86 4.94 -6.61
CA PRO B 19 21.30 5.99 -5.73
C PRO B 19 19.87 6.33 -6.13
N PRO B 20 18.96 6.69 -5.20
CA PRO B 20 19.28 6.74 -3.77
C PRO B 20 18.78 5.50 -3.04
N HIS B 21 18.57 4.41 -3.79
CA HIS B 21 18.16 3.13 -3.24
C HIS B 21 19.30 2.44 -2.53
N SER B 22 20.40 2.23 -3.27
CA SER B 22 21.48 1.36 -2.84
C SER B 22 22.76 1.81 -3.54
N PHE B 23 23.73 2.36 -2.78
CA PHE B 23 24.95 2.90 -3.33
C PHE B 23 26.04 3.01 -2.26
N HIS B 24 27.29 3.27 -2.67
CA HIS B 24 28.40 3.37 -1.73
C HIS B 24 28.73 4.83 -1.45
N ALA B 25 28.88 5.13 -0.15
CA ALA B 25 29.23 6.45 0.33
C ALA B 25 30.56 6.92 -0.24
N GLN B 26 30.77 8.25 -0.19
CA GLN B 26 31.95 8.97 -0.67
C GLN B 26 32.27 8.60 -2.11
N ASP B 27 31.25 8.76 -2.96
N ASP B 27 31.31 8.78 -3.03
CA ASP B 27 31.30 8.61 -4.41
CA ASP B 27 31.56 8.63 -4.44
C ASP B 27 31.80 7.23 -4.82
C ASP B 27 31.95 7.18 -4.76
N GLY B 28 31.27 6.22 -4.12
CA GLY B 28 31.52 4.81 -4.42
C GLY B 28 32.65 4.19 -3.58
N ARG B 29 33.18 4.92 -2.59
CA ARG B 29 34.38 4.45 -1.92
C ARG B 29 34.08 3.87 -0.54
N GLY B 30 32.89 4.17 0.00
CA GLY B 30 32.54 3.91 1.38
C GLY B 30 31.51 2.80 1.47
N GLU B 31 30.84 2.70 2.63
CA GLU B 31 29.95 1.59 2.85
C GLU B 31 28.64 1.79 2.07
N LEU B 32 27.91 0.69 1.99
CA LEU B 32 26.62 0.65 1.35
C LEU B 32 25.65 1.56 2.10
N THR B 33 24.82 2.27 1.36
CA THR B 33 23.91 3.25 1.92
C THR B 33 22.75 3.38 0.94
N GLY B 34 21.72 4.11 1.38
CA GLY B 34 20.55 4.32 0.53
C GLY B 34 19.28 4.08 1.33
N PHE B 35 18.15 4.46 0.73
CA PHE B 35 16.87 4.33 1.40
C PHE B 35 16.61 2.87 1.78
N ASP B 36 16.60 1.99 0.77
CA ASP B 36 16.30 0.58 0.95
C ASP B 36 17.36 -0.06 1.84
N ILE B 37 18.61 0.39 1.76
CA ILE B 37 19.66 -0.19 2.58
C ILE B 37 19.45 0.18 4.05
N ASP B 38 19.19 1.47 4.32
CA ASP B 38 18.95 1.96 5.67
C ASP B 38 17.73 1.30 6.31
N LEU B 39 16.71 0.99 5.49
CA LEU B 39 15.49 0.39 5.98
C LEU B 39 15.71 -1.08 6.37
N ILE B 40 16.40 -1.82 5.51
CA ILE B 40 16.61 -3.25 5.75
C ILE B 40 17.63 -3.44 6.87
N LYS B 41 18.58 -2.50 6.99
CA LYS B 41 19.52 -2.52 8.10
C LYS B 41 18.75 -2.35 9.41
N GLU B 42 17.77 -1.43 9.39
CA GLU B 42 16.89 -1.11 10.50
C GLU B 42 16.05 -2.33 10.87
N VAL B 43 15.38 -2.93 9.87
CA VAL B 43 14.60 -4.15 10.04
C VAL B 43 15.46 -5.22 10.74
N ALA B 44 16.68 -5.41 10.24
CA ALA B 44 17.58 -6.44 10.75
C ALA B 44 17.99 -6.17 12.20
N HIS B 45 18.17 -4.90 12.57
N HIS B 45 18.20 -4.89 12.54
CA HIS B 45 18.60 -4.59 13.93
CA HIS B 45 18.57 -4.54 13.91
C HIS B 45 17.47 -4.95 14.91
C HIS B 45 17.47 -5.01 14.85
N ARG B 46 16.22 -4.67 14.52
CA ARG B 46 15.08 -4.91 15.38
C ARG B 46 14.80 -6.41 15.49
N LEU B 47 15.24 -7.17 14.49
CA LEU B 47 15.00 -8.60 14.52
C LEU B 47 16.19 -9.29 15.18
N ASN B 48 17.18 -8.50 15.62
CA ASN B 48 18.34 -9.03 16.30
C ASN B 48 19.12 -9.92 15.33
N LEU B 49 19.47 -9.37 14.16
CA LEU B 49 20.21 -10.05 13.11
C LEU B 49 21.31 -9.12 12.60
N LYS B 50 22.48 -9.67 12.26
CA LYS B 50 23.46 -8.91 11.49
C LYS B 50 23.14 -9.08 10.01
N VAL B 51 23.14 -7.97 9.27
CA VAL B 51 22.81 -7.99 7.85
C VAL B 51 24.11 -8.20 7.08
N GLU B 52 24.06 -9.03 6.02
CA GLU B 52 25.15 -9.23 5.09
C GLU B 52 24.66 -8.98 3.67
N PHE B 53 25.34 -8.07 2.98
CA PHE B 53 24.95 -7.73 1.62
C PHE B 53 25.84 -8.46 0.62
N PHE B 54 25.19 -8.94 -0.43
CA PHE B 54 25.85 -9.56 -1.56
C PHE B 54 25.58 -8.69 -2.78
N GLU B 55 26.66 -8.19 -3.38
CA GLU B 55 26.57 -7.28 -4.50
C GLU B 55 26.52 -8.05 -5.82
N THR B 56 25.50 -7.75 -6.63
CA THR B 56 25.25 -8.48 -7.85
C THR B 56 24.57 -7.55 -8.85
N ALA B 57 24.93 -7.67 -10.13
CA ALA B 57 24.23 -6.95 -11.18
C ALA B 57 22.75 -7.27 -11.13
N VAL B 58 21.91 -6.27 -11.39
CA VAL B 58 20.46 -6.38 -11.44
C VAL B 58 20.01 -7.61 -12.24
N SER B 59 20.69 -7.93 -13.33
CA SER B 59 20.25 -9.05 -14.17
C SER B 59 20.39 -10.38 -13.44
N GLY B 60 21.19 -10.42 -12.36
CA GLY B 60 21.42 -11.65 -11.64
C GLY B 60 20.74 -11.71 -10.27
N LEU B 61 20.04 -10.64 -9.86
CA LEU B 61 19.52 -10.52 -8.51
C LEU B 61 18.49 -11.61 -8.19
N ILE B 62 17.49 -11.81 -9.08
CA ILE B 62 16.45 -12.81 -8.87
C ILE B 62 17.09 -14.21 -8.95
N THR B 63 18.09 -14.37 -9.83
CA THR B 63 18.84 -15.61 -10.00
C THR B 63 19.55 -15.95 -8.70
N GLY B 64 20.04 -14.93 -8.01
CA GLY B 64 20.78 -15.12 -6.77
C GLY B 64 19.88 -15.60 -5.64
N LEU B 65 18.66 -15.05 -5.60
CA LEU B 65 17.62 -15.43 -4.65
C LEU B 65 17.15 -16.86 -4.92
N ASP B 66 17.08 -17.22 -6.21
CA ASP B 66 16.65 -18.55 -6.63
C ASP B 66 17.71 -19.60 -6.28
N THR B 67 18.97 -19.18 -6.29
CA THR B 67 20.13 -20.04 -6.10
C THR B 67 20.42 -20.19 -4.61
N ASN B 68 19.83 -19.29 -3.79
CA ASN B 68 19.97 -19.37 -2.35
C ASN B 68 21.31 -18.77 -1.91
N ARG B 69 21.82 -17.81 -2.68
CA ARG B 69 22.96 -17.02 -2.28
C ARG B 69 22.59 -15.97 -1.24
N TYR B 70 21.28 -15.66 -1.13
CA TYR B 70 20.75 -14.70 -0.19
C TYR B 70 19.23 -14.87 -0.07
N ASP B 71 18.61 -14.13 0.86
CA ASP B 71 17.26 -14.40 1.31
C ASP B 71 16.30 -13.28 0.95
N VAL B 72 16.81 -12.07 0.73
CA VAL B 72 15.87 -10.98 0.49
C VAL B 72 16.40 -10.02 -0.57
N LEU B 73 15.48 -9.52 -1.40
CA LEU B 73 15.80 -8.44 -2.31
C LEU B 73 15.01 -7.19 -1.92
N VAL B 74 15.58 -6.03 -2.20
CA VAL B 74 14.95 -4.76 -1.85
C VAL B 74 14.39 -4.14 -3.12
N ASN B 75 13.52 -3.14 -3.01
CA ASN B 75 13.15 -2.28 -4.14
C ASN B 75 12.62 -3.12 -5.31
N VAL B 76 11.76 -4.11 -5.02
CA VAL B 76 11.22 -4.97 -6.05
C VAL B 76 9.77 -4.61 -6.35
N ALA B 77 9.47 -4.29 -7.61
CA ALA B 77 8.09 -4.05 -8.01
C ALA B 77 7.28 -5.35 -7.93
N ILE B 78 6.14 -5.27 -7.23
CA ILE B 78 5.16 -6.34 -7.16
C ILE B 78 4.45 -6.47 -8.52
N THR B 79 4.51 -7.67 -9.09
CA THR B 79 3.82 -7.99 -10.34
C THR B 79 3.10 -9.30 -10.07
N PRO B 80 1.99 -9.64 -10.79
CA PRO B 80 1.27 -10.88 -10.49
C PRO B 80 2.10 -12.13 -10.76
N GLU B 81 3.01 -12.06 -11.76
N GLU B 81 3.04 -12.04 -11.72
CA GLU B 81 3.94 -13.12 -12.13
CA GLU B 81 3.91 -13.15 -12.10
C GLU B 81 4.87 -13.43 -10.96
C GLU B 81 4.91 -13.44 -10.98
N ARG B 82 5.45 -12.37 -10.38
CA ARG B 82 6.32 -12.47 -9.21
C ARG B 82 5.51 -12.87 -7.96
N GLN B 83 4.24 -12.44 -7.89
CA GLN B 83 3.41 -12.77 -6.74
C GLN B 83 3.13 -14.28 -6.71
N LYS B 84 3.01 -14.84 -7.91
CA LYS B 84 2.73 -16.25 -8.09
C LYS B 84 3.92 -17.07 -7.57
N LYS B 85 5.14 -16.51 -7.63
CA LYS B 85 6.33 -17.33 -7.58
C LYS B 85 7.23 -17.02 -6.38
N TYR B 86 6.99 -15.89 -5.71
CA TYR B 86 7.82 -15.41 -4.61
C TYR B 86 6.92 -14.90 -3.49
N ASP B 87 7.51 -14.62 -2.31
CA ASP B 87 6.81 -13.92 -1.25
C ASP B 87 7.21 -12.46 -1.25
N PHE B 88 6.27 -11.55 -0.97
CA PHE B 88 6.57 -10.14 -0.79
C PHE B 88 6.16 -9.66 0.60
N SER B 89 6.87 -8.67 1.13
CA SER B 89 6.38 -7.91 2.27
C SER B 89 5.21 -7.00 1.87
N ILE B 90 4.51 -6.43 2.84
CA ILE B 90 3.67 -5.27 2.62
C ILE B 90 4.47 -4.24 1.81
N PRO B 91 3.89 -3.53 0.81
CA PRO B 91 4.62 -2.48 0.10
C PRO B 91 5.21 -1.46 1.08
N TYR B 92 6.43 -0.99 0.85
CA TYR B 92 6.97 0.08 1.69
C TYR B 92 7.21 1.36 0.89
N ILE B 93 7.10 1.31 -0.45
CA ILE B 93 7.25 2.51 -1.25
C ILE B 93 6.52 2.35 -2.58
N ALA B 94 6.42 3.43 -3.36
CA ALA B 94 5.82 3.33 -4.66
C ALA B 94 6.58 4.22 -5.62
N HIS B 95 6.78 3.76 -6.84
CA HIS B 95 7.37 4.62 -7.85
C HIS B 95 6.41 4.75 -9.04
N ARG B 96 6.67 5.75 -9.87
CA ARG B 96 5.99 5.84 -11.15
C ARG B 96 6.99 5.78 -12.31
N VAL B 97 6.66 5.00 -13.34
CA VAL B 97 7.51 4.86 -14.51
C VAL B 97 7.33 6.07 -15.42
N LEU B 98 8.46 6.66 -15.85
CA LEU B 98 8.43 7.79 -16.76
C LEU B 98 9.14 7.40 -18.04
N LEU B 99 8.65 7.94 -19.16
CA LEU B 99 9.40 7.97 -20.40
C LEU B 99 10.17 9.29 -20.40
N VAL B 100 11.51 9.18 -20.41
CA VAL B 100 12.39 10.33 -20.46
C VAL B 100 13.10 10.41 -21.81
N VAL B 101 13.03 11.61 -22.42
CA VAL B 101 13.70 11.97 -23.66
C VAL B 101 14.54 13.23 -23.41
N ARG B 102 15.44 13.58 -24.34
CA ARG B 102 16.10 14.88 -24.34
C ARG B 102 15.06 15.95 -24.66
N SER B 103 15.26 17.15 -24.12
N SER B 103 15.26 17.16 -24.14
CA SER B 103 14.31 18.25 -24.21
CA SER B 103 14.30 18.26 -24.23
C SER B 103 14.00 18.66 -25.65
C SER B 103 13.97 18.59 -25.68
N ASP B 104 14.89 18.32 -26.59
CA ASP B 104 14.78 18.73 -27.98
C ASP B 104 14.02 17.70 -28.82
N GLN B 105 13.70 16.54 -28.23
CA GLN B 105 13.12 15.41 -28.94
C GLN B 105 11.71 15.74 -29.40
N GLN B 106 11.36 15.28 -30.62
CA GLN B 106 10.08 15.62 -31.23
C GLN B 106 9.24 14.37 -31.48
N ASP B 107 9.88 13.30 -31.95
CA ASP B 107 9.19 12.14 -32.50
C ASP B 107 8.58 11.22 -31.43
N ILE B 108 8.89 11.40 -30.14
CA ILE B 108 8.44 10.48 -29.09
C ILE B 108 7.49 11.15 -28.10
N ARG B 109 6.21 10.76 -28.10
CA ARG B 109 5.23 11.40 -27.24
C ARG B 109 4.53 10.38 -26.34
N SER B 110 4.65 9.09 -26.66
CA SER B 110 4.06 8.08 -25.82
C SER B 110 4.91 6.81 -25.86
N PHE B 111 4.56 5.85 -25.02
CA PHE B 111 5.22 4.55 -24.98
C PHE B 111 5.09 3.89 -26.35
N LYS B 112 3.95 4.12 -27.02
CA LYS B 112 3.66 3.51 -28.31
C LYS B 112 4.65 4.00 -29.36
N ASP B 113 5.15 5.23 -29.21
CA ASP B 113 6.10 5.79 -30.18
C ASP B 113 7.53 5.23 -30.04
N LEU B 114 7.77 4.32 -29.09
CA LEU B 114 9.13 3.85 -28.85
C LEU B 114 9.57 2.79 -29.85
N THR B 115 8.63 2.29 -30.67
CA THR B 115 8.89 1.26 -31.65
C THR B 115 9.94 1.78 -32.63
N ASP B 116 11.01 1.00 -32.82
CA ASP B 116 12.10 1.30 -33.74
C ASP B 116 12.83 2.58 -33.33
N LYS B 117 12.74 2.98 -32.05
CA LYS B 117 13.62 3.99 -31.49
C LYS B 117 14.69 3.27 -30.68
N THR B 118 15.85 3.89 -30.50
N THR B 118 15.84 3.90 -30.42
CA THR B 118 16.82 3.30 -29.59
CA THR B 118 16.85 3.29 -29.57
C THR B 118 16.42 3.71 -28.18
C THR B 118 16.60 3.67 -28.11
N VAL B 119 16.42 2.71 -27.29
N VAL B 119 16.31 2.68 -27.27
CA VAL B 119 16.05 2.94 -25.91
CA VAL B 119 16.02 2.93 -25.87
C VAL B 119 17.11 2.27 -25.04
C VAL B 119 17.05 2.23 -25.00
N ALA B 120 17.48 2.94 -23.94
CA ALA B 120 18.45 2.44 -22.98
C ALA B 120 17.74 1.80 -21.77
N GLN B 121 18.00 0.52 -21.48
CA GLN B 121 17.35 -0.16 -20.38
C GLN B 121 18.33 -1.13 -19.75
N ILE B 122 18.00 -1.58 -18.53
CA ILE B 122 18.85 -2.51 -17.80
C ILE B 122 18.44 -3.95 -18.12
N LEU B 123 19.44 -4.76 -18.51
N LEU B 123 19.47 -4.77 -18.33
CA LEU B 123 19.25 -6.16 -18.85
CA LEU B 123 19.37 -6.17 -18.69
C LEU B 123 18.58 -6.88 -17.69
C LEU B 123 18.58 -6.91 -17.61
N GLY B 124 17.59 -7.72 -18.04
CA GLY B 124 16.82 -8.54 -17.13
C GLY B 124 15.85 -7.76 -16.25
N THR B 125 15.26 -6.70 -16.78
CA THR B 125 14.22 -6.01 -16.03
C THR B 125 12.92 -6.04 -16.83
N ASP B 126 11.80 -5.84 -16.15
CA ASP B 126 10.46 -5.77 -16.75
C ASP B 126 10.38 -4.64 -17.79
N LEU B 127 11.03 -3.52 -17.51
CA LEU B 127 11.05 -2.37 -18.42
C LEU B 127 11.84 -2.71 -19.68
N SER B 128 12.85 -3.57 -19.51
N SER B 128 12.86 -3.57 -19.54
CA SER B 128 13.67 -4.05 -20.61
CA SER B 128 13.62 -3.98 -20.72
C SER B 128 12.81 -4.97 -21.49
C SER B 128 12.77 -4.96 -21.54
N ARG B 129 11.91 -5.73 -20.85
CA ARG B 129 11.07 -6.67 -21.55
C ARG B 129 9.94 -5.95 -22.25
N PHE B 130 9.48 -4.85 -21.62
CA PHE B 130 8.46 -4.01 -22.20
C PHE B 130 9.00 -3.33 -23.46
N ALA B 131 10.26 -2.89 -23.38
CA ALA B 131 10.97 -2.31 -24.50
C ALA B 131 11.07 -3.32 -25.67
N LYS B 132 11.38 -4.59 -25.35
CA LYS B 132 11.42 -5.70 -26.29
C LYS B 132 10.09 -5.89 -27.01
N GLU B 133 8.97 -5.92 -26.28
CA GLU B 133 7.63 -6.07 -26.84
C GLU B 133 7.26 -4.88 -27.72
N LEU B 134 7.76 -3.69 -27.38
CA LEU B 134 7.48 -2.50 -28.16
C LEU B 134 8.25 -2.51 -29.48
N LYS B 135 9.26 -3.38 -29.60
CA LYS B 135 10.12 -3.42 -30.78
C LYS B 135 10.99 -2.16 -30.85
N SER B 136 11.33 -1.63 -29.68
CA SER B 136 12.45 -0.72 -29.56
C SER B 136 13.74 -1.43 -29.92
N HIS B 137 14.75 -0.64 -30.24
CA HIS B 137 16.11 -1.13 -30.33
C HIS B 137 16.79 -0.89 -28.98
N LEU B 138 17.06 -1.96 -28.24
N LEU B 138 16.95 -1.94 -28.19
CA LEU B 138 17.56 -1.84 -26.88
CA LEU B 138 17.49 -1.72 -26.85
C LEU B 138 19.06 -1.53 -26.86
C LEU B 138 18.98 -1.39 -26.95
N VAL B 139 19.46 -0.59 -25.99
CA VAL B 139 20.86 -0.52 -25.60
C VAL B 139 20.89 -0.79 -24.09
N PHE B 140 21.59 -1.84 -23.69
CA PHE B 140 21.61 -2.28 -22.30
C PHE B 140 22.61 -1.46 -21.50
N SER B 141 22.14 -0.75 -20.46
CA SER B 141 23.06 0.03 -19.64
C SER B 141 23.26 -0.68 -18.31
N HIS B 142 24.34 -0.31 -17.61
CA HIS B 142 24.64 -1.03 -16.38
C HIS B 142 23.82 -0.44 -15.22
N ASN B 143 23.23 0.77 -15.37
CA ASN B 143 22.43 1.37 -14.31
C ASN B 143 21.67 2.61 -14.81
N PHE B 144 21.02 3.31 -13.88
CA PHE B 144 20.20 4.48 -14.21
C PHE B 144 21.07 5.65 -14.63
N GLU B 145 22.22 5.83 -13.97
N GLU B 145 22.21 5.80 -13.93
CA GLU B 145 23.16 6.89 -14.34
CA GLU B 145 23.30 6.73 -14.22
C GLU B 145 23.61 6.73 -15.79
C GLU B 145 23.61 6.69 -15.72
N GLN B 146 23.90 5.49 -16.22
CA GLN B 146 24.39 5.29 -17.57
C GLN B 146 23.27 5.45 -18.60
N SER B 147 22.03 5.06 -18.27
CA SER B 147 20.89 5.24 -19.16
C SER B 147 20.76 6.72 -19.55
N LEU B 148 20.89 7.59 -18.54
CA LEU B 148 20.65 9.02 -18.71
C LEU B 148 21.84 9.61 -19.44
N GLN B 149 22.99 9.01 -19.22
CA GLN B 149 24.20 9.50 -19.85
C GLN B 149 24.21 9.13 -21.32
N LEU B 150 23.65 7.94 -21.64
CA LEU B 150 23.56 7.51 -23.02
C LEU B 150 22.60 8.44 -23.76
N LEU B 151 21.57 8.90 -23.05
CA LEU B 151 20.52 9.75 -23.60
C LEU B 151 21.10 11.15 -23.86
N LEU B 152 21.92 11.60 -22.91
CA LEU B 152 22.55 12.91 -22.92
C LEU B 152 23.53 13.05 -24.08
N SER B 153 24.31 12.00 -24.32
CA SER B 153 25.31 12.02 -25.37
C SER B 153 24.75 11.50 -26.70
N LYS B 154 23.44 11.24 -26.78
CA LYS B 154 22.72 11.02 -28.03
C LYS B 154 22.94 9.60 -28.55
N ARG B 155 23.40 8.69 -27.67
CA ARG B 155 23.59 7.30 -28.01
C ARG B 155 22.24 6.57 -28.03
N THR B 156 21.27 7.06 -27.26
CA THR B 156 19.92 6.55 -27.29
C THR B 156 18.98 7.74 -27.33
N ASP B 157 17.70 7.46 -27.61
CA ASP B 157 16.73 8.49 -27.89
C ASP B 157 15.75 8.59 -26.73
N ALA B 158 15.71 7.56 -25.89
CA ALA B 158 14.76 7.53 -24.78
C ALA B 158 15.21 6.55 -23.71
N THR B 159 14.66 6.72 -22.50
CA THR B 159 14.73 5.66 -21.51
C THR B 159 13.45 5.68 -20.68
N MET B 160 13.03 4.50 -20.21
CA MET B 160 11.93 4.36 -19.25
C MET B 160 12.58 4.14 -17.89
N ILE B 161 12.26 5.02 -16.95
CA ILE B 161 12.96 5.10 -15.69
C ILE B 161 11.93 5.44 -14.61
N PRO B 162 11.98 4.76 -13.42
CA PRO B 162 11.13 5.14 -12.29
C PRO B 162 11.42 6.58 -11.84
N ASP B 163 10.45 7.21 -11.19
CA ASP B 163 10.57 8.60 -10.84
C ASP B 163 11.65 8.78 -9.76
N ILE B 164 11.84 7.78 -8.90
CA ILE B 164 12.72 7.97 -7.75
C ILE B 164 14.16 8.25 -8.21
N PRO B 165 14.79 7.39 -9.05
CA PRO B 165 16.14 7.66 -9.54
C PRO B 165 16.24 8.88 -10.48
N PHE B 166 15.19 9.16 -11.25
CA PHE B 166 15.28 10.26 -12.17
C PHE B 166 15.35 11.59 -11.42
N PHE B 167 14.58 11.70 -10.33
CA PHE B 167 14.54 12.94 -9.55
C PHE B 167 15.79 13.07 -8.69
N ASN B 168 16.33 11.92 -8.24
CA ASN B 168 17.60 11.86 -7.55
C ASN B 168 18.72 12.44 -8.42
N PHE B 169 18.70 12.06 -9.71
CA PHE B 169 19.63 12.54 -10.71
C PHE B 169 19.52 14.07 -10.85
N LEU B 170 18.31 14.63 -10.89
CA LEU B 170 18.12 16.07 -11.04
C LEU B 170 18.60 16.81 -9.79
N GLU B 171 18.46 16.17 -8.62
CA GLU B 171 18.89 16.75 -7.35
C GLU B 171 20.41 16.82 -7.31
N ARG B 172 21.10 15.79 -7.83
CA ARG B 172 22.56 15.68 -7.82
C ARG B 172 23.19 16.57 -8.88
N ARG B 173 22.63 16.55 -10.10
CA ARG B 173 23.22 17.28 -11.21
C ARG B 173 22.17 18.20 -11.83
N PRO B 174 21.75 19.29 -11.12
CA PRO B 174 20.63 20.13 -11.56
C PRO B 174 20.85 20.86 -12.89
N HIS B 175 22.06 21.43 -13.03
CA HIS B 175 22.41 22.23 -14.20
C HIS B 175 22.65 21.31 -15.40
N ASP B 176 22.46 20.00 -15.20
CA ASP B 176 22.51 19.03 -16.29
C ASP B 176 21.13 18.40 -16.44
N GLY B 177 20.13 19.00 -15.79
CA GLY B 177 18.82 18.38 -15.60
C GLY B 177 17.79 18.88 -16.61
N ASN B 178 17.84 20.18 -16.92
CA ASN B 178 16.92 20.80 -17.86
C ASN B 178 17.16 20.33 -19.30
N LEU B 179 18.11 19.38 -19.48
CA LEU B 179 18.37 18.76 -20.78
C LEU B 179 17.40 17.60 -21.05
N PHE B 180 16.58 17.26 -20.05
CA PHE B 180 15.60 16.20 -20.15
C PHE B 180 14.17 16.73 -20.16
N LYS B 181 13.26 15.93 -20.73
CA LYS B 181 11.82 16.15 -20.70
C LYS B 181 11.17 14.82 -20.37
N ILE B 182 9.99 14.86 -19.73
CA ILE B 182 9.17 13.67 -19.53
C ILE B 182 8.13 13.59 -20.63
N ALA B 183 8.17 12.53 -21.43
CA ALA B 183 7.28 12.44 -22.58
C ALA B 183 5.95 11.77 -22.22
N ASP B 184 5.95 10.95 -21.17
CA ASP B 184 4.80 10.15 -20.77
C ASP B 184 5.10 9.47 -19.43
N ARG B 185 4.04 9.02 -18.76
CA ARG B 185 4.15 8.26 -17.52
C ARG B 185 3.06 7.21 -17.52
N MET B 186 3.30 6.07 -16.86
CA MET B 186 2.27 5.06 -16.65
C MET B 186 1.12 5.71 -15.89
N LYS B 187 -0.12 5.26 -16.15
CA LYS B 187 -1.26 5.85 -15.47
C LYS B 187 -1.24 5.51 -13.98
N ASP B 188 -0.74 4.31 -13.61
CA ASP B 188 -0.72 3.89 -12.22
C ASP B 188 0.67 4.02 -11.63
N ASN B 189 0.75 4.30 -10.33
CA ASN B 189 2.03 4.09 -9.66
C ASN B 189 2.10 2.67 -9.10
N SER B 190 3.32 2.24 -8.76
CA SER B 190 3.62 0.84 -8.54
C SER B 190 4.10 0.60 -7.11
N ALA B 191 3.47 -0.35 -6.41
CA ALA B 191 3.94 -0.85 -5.13
C ALA B 191 5.29 -1.56 -5.27
N VAL B 192 6.19 -1.30 -4.29
CA VAL B 192 7.53 -1.84 -4.25
C VAL B 192 7.71 -2.49 -2.89
N ALA B 193 8.33 -3.67 -2.83
CA ALA B 193 8.37 -4.40 -1.57
C ALA B 193 9.66 -5.20 -1.51
N PHE B 194 9.92 -5.83 -0.34
CA PHE B 194 11.00 -6.79 -0.21
C PHE B 194 10.55 -8.12 -0.81
N MET B 195 11.42 -8.81 -1.52
CA MET B 195 11.07 -10.11 -2.09
C MET B 195 11.92 -11.21 -1.47
N MET B 196 11.26 -12.28 -0.97
CA MET B 196 11.87 -13.48 -0.42
C MET B 196 11.42 -14.66 -1.29
N ARG B 197 12.05 -15.82 -1.12
CA ARG B 197 11.58 -17.03 -1.77
C ARG B 197 10.23 -17.42 -1.18
N LYS B 198 9.36 -18.00 -2.03
CA LYS B 198 8.10 -18.62 -1.59
C LYS B 198 8.39 -19.64 -0.49
N GLY B 199 7.46 -19.77 0.45
CA GLY B 199 7.53 -20.76 1.52
C GLY B 199 8.53 -20.41 2.62
N ASN B 200 8.63 -19.11 2.89
CA ASN B 200 9.57 -18.48 3.81
C ASN B 200 8.71 -17.51 4.60
N ASN B 201 7.62 -18.07 5.15
CA ASN B 201 6.48 -17.28 5.58
C ASN B 201 6.83 -16.58 6.90
N LYS B 202 7.71 -17.22 7.69
CA LYS B 202 8.05 -16.72 9.00
C LYS B 202 8.83 -15.42 8.87
N LEU B 203 9.79 -15.40 7.94
CA LEU B 203 10.59 -14.21 7.74
C LEU B 203 9.71 -13.10 7.17
N THR B 204 8.73 -13.47 6.33
CA THR B 204 7.84 -12.50 5.73
C THR B 204 7.00 -11.81 6.82
N ARG B 205 6.41 -12.60 7.72
N ARG B 205 6.49 -12.62 7.77
CA ARG B 205 5.58 -12.06 8.79
CA ARG B 205 5.61 -12.22 8.87
C ARG B 205 6.41 -11.14 9.70
C ARG B 205 6.35 -11.33 9.86
N SER B 206 7.67 -11.54 9.95
CA SER B 206 8.58 -10.81 10.84
C SER B 206 8.91 -9.43 10.28
N ILE B 207 9.27 -9.38 8.98
CA ILE B 207 9.59 -8.13 8.32
C ILE B 207 8.37 -7.20 8.42
N ASN B 208 7.18 -7.79 8.25
CA ASN B 208 5.94 -7.04 8.19
C ASN B 208 5.60 -6.42 9.53
N GLU B 209 5.79 -7.24 10.58
CA GLU B 209 5.67 -6.81 11.96
C GLU B 209 6.56 -5.60 12.21
N ILE B 210 7.82 -5.73 11.79
CA ILE B 210 8.84 -4.71 12.05
C ILE B 210 8.59 -3.47 11.18
N LEU B 211 8.14 -3.66 9.95
CA LEU B 211 7.84 -2.51 9.10
C LEU B 211 6.71 -1.70 9.69
N CYS B 212 5.75 -2.36 10.34
N CYS B 212 5.75 -2.39 10.32
CA CYS B 212 4.61 -1.64 10.87
CA CYS B 212 4.60 -1.75 10.92
C CYS B 212 5.06 -0.86 12.11
C CYS B 212 5.06 -0.89 12.09
N ALA B 213 5.99 -1.43 12.87
CA ALA B 213 6.60 -0.76 14.03
C ALA B 213 7.37 0.48 13.59
N ILE B 214 8.02 0.39 12.42
CA ILE B 214 8.86 1.44 11.91
C ILE B 214 7.98 2.54 11.34
N HIS B 215 6.83 2.18 10.74
CA HIS B 215 5.81 3.18 10.44
C HIS B 215 5.45 3.94 11.73
N LEU B 216 5.14 3.20 12.80
CA LEU B 216 4.42 3.75 13.94
C LEU B 216 5.27 4.67 14.81
N ASP B 217 6.60 4.51 14.82
CA ASP B 217 7.44 5.25 15.75
C ASP B 217 8.18 6.38 15.06
N GLY B 218 7.84 6.69 13.80
CA GLY B 218 8.41 7.85 13.12
C GLY B 218 9.74 7.57 12.43
N THR B 219 10.27 6.34 12.60
CA THR B 219 11.55 5.97 12.03
C THR B 219 11.47 6.02 10.51
N TYR B 220 10.33 5.58 9.95
CA TYR B 220 10.17 5.55 8.51
C TYR B 220 10.20 6.97 7.95
N LYS B 221 9.48 7.89 8.60
CA LYS B 221 9.52 9.27 8.17
C LYS B 221 10.96 9.80 8.13
N LYS B 222 11.78 9.42 9.13
CA LYS B 222 13.17 9.87 9.16
C LYS B 222 13.94 9.30 7.98
N ILE B 223 13.79 7.99 7.70
CA ILE B 223 14.58 7.38 6.64
C ILE B 223 14.13 7.90 5.28
N PHE B 224 12.81 8.09 5.11
CA PHE B 224 12.21 8.68 3.93
C PHE B 224 12.68 10.12 3.72
N ASP B 225 12.61 10.95 4.76
CA ASP B 225 13.01 12.35 4.61
C ASP B 225 14.51 12.48 4.30
N ARG B 226 15.29 11.47 4.71
CA ARG B 226 16.72 11.45 4.47
C ARG B 226 17.01 11.35 2.97
N TYR B 227 16.05 10.85 2.20
CA TYR B 227 16.36 10.50 0.82
C TYR B 227 15.42 11.15 -0.19
N PHE B 228 14.20 11.54 0.22
CA PHE B 228 13.16 11.91 -0.73
C PHE B 228 12.46 13.23 -0.39
N ASP B 229 11.96 13.87 -1.44
CA ASP B 229 11.10 15.04 -1.38
C ASP B 229 9.67 14.51 -1.35
N LYS B 230 9.04 14.59 -0.19
CA LYS B 230 7.70 14.04 0.00
C LYS B 230 6.69 14.77 -0.89
N ASN B 231 7.12 15.80 -1.62
CA ASN B 231 6.25 16.48 -2.57
C ASN B 231 6.29 15.78 -3.92
N ILE B 232 7.32 14.97 -4.17
CA ILE B 232 7.43 14.33 -5.47
C ILE B 232 7.24 12.82 -5.31
N ILE B 233 7.81 12.24 -4.25
CA ILE B 233 7.84 10.79 -4.12
C ILE B 233 6.67 10.32 -3.26
N SER B 234 5.91 9.37 -3.81
CA SER B 234 4.74 8.78 -3.18
C SER B 234 5.18 7.78 -2.09
N SER B 235 4.45 7.70 -0.98
CA SER B 235 4.64 6.59 -0.04
C SER B 235 3.40 5.69 0.05
N VAL B 236 3.39 4.82 1.05
CA VAL B 236 2.31 3.85 1.21
C VAL B 236 1.52 4.18 2.47
N PRO B 237 0.29 3.64 2.66
CA PRO B 237 -0.47 3.91 3.86
C PRO B 237 0.22 3.26 5.06
N GLY B 238 0.03 3.90 6.23
CA GLY B 238 0.65 3.42 7.45
C GLY B 238 0.02 2.14 8.02
N CYS B 239 0.31 1.90 9.31
N CYS B 239 0.30 1.92 9.31
CA CYS B 239 -0.30 0.83 10.07
CA CYS B 239 -0.22 0.83 10.12
C CYS B 239 -0.97 1.48 11.28
C CYS B 239 -1.07 1.49 11.20
N SER B 240 -1.76 0.69 12.01
CA SER B 240 -2.50 1.25 13.14
C SER B 240 -2.24 0.40 14.37
N SER B 241 -3.04 0.67 15.41
CA SER B 241 -2.80 0.18 16.76
C SER B 241 -4.14 -0.02 17.49
C4 KG2 C . -11.76 -2.69 13.53
C14 KG2 C . -16.94 -5.42 8.76
C5 KG2 C . -10.80 -2.24 14.63
C6 KG2 C . -9.86 -1.20 14.02
C11 KG2 C . -16.25 -2.89 9.60
C7 KG2 C . -12.77 -1.55 13.28
C8 KG2 C . -14.64 -2.49 11.97
C9 KG2 C . -14.36 -3.74 11.08
C10 KG2 C . -15.54 -3.97 10.11
C12 KG2 C . -17.29 -3.07 8.70
C13 KG2 C . -17.62 -4.34 8.27
N1 KG2 C . -10.52 -0.60 12.80
C3 KG2 C . -10.94 -2.96 12.27
C1 KG2 C . -9.80 0.64 12.36
C2 KG2 C . -10.48 -1.63 11.69
O1 KG2 C . -13.56 -1.70 12.05
O2 KG2 C . -15.68 -2.28 12.54
O3 KG2 C . -13.23 -3.42 10.24
C15 KG2 C . -15.90 -5.25 9.67
C16 KG2 C . -13.84 -4.89 11.95
C17 KG2 C . -14.11 -4.98 13.32
C18 KG2 C . -13.59 -5.99 14.09
C19 KG2 C . -12.75 -6.94 13.53
C20 KG2 C . -12.44 -6.85 12.20
C21 KG2 C . -12.96 -5.84 11.42
C22 KG2 C . -11.96 -0.26 13.12
C4 KG2 D . 12.82 -4.50 -11.64
C14 KG2 D . 18.22 -2.78 -6.95
C5 KG2 D . 12.21 -5.35 -12.76
C6 KG2 D . 10.93 -4.67 -13.23
C11 KG2 D . 16.78 -1.23 -8.72
C7 KG2 D . 13.35 -3.21 -12.27
C8 KG2 D . 15.27 -2.47 -10.91
C9 KG2 D . 15.42 -3.21 -9.55
C10 KG2 D . 16.54 -2.60 -8.69
C12 KG2 D . 17.74 -0.65 -7.89
C13 KG2 D . 18.44 -1.43 -7.00
N1 KG2 D . 10.89 -3.26 -12.71
C3 KG2 D . 11.74 -4.17 -10.59
C1 KG2 D . 9.74 -2.53 -13.36
C2 KG2 D . 10.69 -3.28 -11.23
O1 KG2 D . 13.97 -2.33 -11.28
O2 KG2 D . 16.20 -2.11 -11.58
O3 KG2 D . 14.25 -2.93 -8.77
C15 KG2 D . 17.27 -3.36 -7.77
C16 KG2 D . 15.30 -4.74 -9.71
C17 KG2 D . 15.41 -5.36 -10.97
C18 KG2 D . 15.21 -6.72 -11.13
C19 KG2 D . 14.89 -7.48 -10.03
C20 KG2 D . 14.76 -6.91 -8.79
C21 KG2 D . 14.94 -5.54 -8.63
C22 KG2 D . 12.20 -2.56 -13.03
#